data_1BYD
#
_entry.id   1BYD
#
_cell.length_a   86.200
_cell.length_b   86.200
_cell.length_c   144.200
_cell.angle_alpha   90.00
_cell.angle_beta   90.00
_cell.angle_gamma   120.00
#
_symmetry.space_group_name_H-M   'P 31 2 1'
#
loop_
_entity.id
_entity.type
_entity.pdbx_description
1 polymer BETA-AMYLASE
2 branched alpha-D-glucopyranose-(1-4)-2-deoxy-beta-D-arabino-hexopyranose
3 non-polymer 'SULFATE ION'
4 water water
#
_entity_poly.entity_id   1
_entity_poly.type   'polypeptide(L)'
_entity_poly.pdbx_seq_one_letter_code
;ATSDSNMLLNYVPVYVMLPLGVVNVDNVFEDPDGLKEQLLQLRAAGVDGVMVDVWWGIIELKGPKQYDWRAYRSLFQLVQ
ECGLTLQAIMSFHQCGGNVGDIVNIPIPQWVLDIGESNHDIFYTNRSGTRNKEYLTVGVDNEPIFHGRTAIEIYSDYMKS
FRENMSDFLESGLIIDIEVGLGPAGELRYPSYPQSQGWEFPRIGEFQCYDKYLKADFKAAVARAGHPEWELPDDAGKYND
VPESTGFFKSNGTYVTEKGKFFLTWYSNKLLNHGDQILDEANKAFLGCKVKLAIKVSGIHWWYKVENHAAELTAGYYNLN
DRDGYRPIARMLSRHHAILNFTCLEMRDSEQPSDAKSGPQELVQQVLSGGWREDIRVAGENALPRYDATAYNQIILNAKP
QGVNNNGPPKLSMFGVTYLRLSDDLLQKSNFNIFKKFVLKMHADQDYCANPQKYNHAITPLKPSAPKIPIEVLLEATKPT
LPFPWLPETDMKVDG
;
_entity_poly.pdbx_strand_id   A
#
loop_
_chem_comp.id
_chem_comp.type
_chem_comp.name
_chem_comp.formula
GLC D-saccharide, alpha linking alpha-D-glucopyranose 'C6 H12 O6'
RR7 D-saccharide, beta linking 2-deoxy-beta-D-arabino-hexopyranose 'C6 H12 O5'
SO4 non-polymer 'SULFATE ION' 'O4 S -2'
#
# COMPACT_ATOMS: atom_id res chain seq x y z
N SER A 5 -2.39 -22.72 25.30
CA SER A 5 -2.30 -21.24 25.44
C SER A 5 -3.65 -20.60 25.25
N ASN A 6 -3.76 -19.46 25.87
CA ASN A 6 -5.01 -18.73 26.03
C ASN A 6 -5.53 -18.30 24.65
N MET A 7 -6.65 -17.61 24.72
CA MET A 7 -7.44 -17.23 23.54
C MET A 7 -6.93 -15.91 22.96
N LEU A 8 -6.62 -15.01 23.87
CA LEU A 8 -6.20 -13.65 23.53
C LEU A 8 -5.14 -13.67 22.42
N LEU A 9 -4.57 -14.85 22.25
CA LEU A 9 -3.49 -15.07 21.28
C LEU A 9 -4.02 -15.05 19.85
N ASN A 10 -5.34 -15.06 19.76
CA ASN A 10 -6.06 -15.10 18.49
C ASN A 10 -6.45 -13.71 18.06
N TYR A 11 -6.21 -12.80 18.95
CA TYR A 11 -6.66 -11.44 18.69
C TYR A 11 -5.99 -10.77 17.45
N VAL A 12 -6.81 -10.14 16.56
CA VAL A 12 -6.21 -9.40 15.48
C VAL A 12 -6.67 -8.00 15.58
N PRO A 13 -5.76 -7.02 15.71
CA PRO A 13 -6.22 -5.66 15.95
C PRO A 13 -6.98 -5.07 14.76
N VAL A 14 -7.76 -4.04 14.97
CA VAL A 14 -8.48 -3.33 13.96
C VAL A 14 -8.20 -1.84 14.08
N TYR A 15 -7.84 -1.19 13.00
CA TYR A 15 -7.60 0.27 12.94
C TYR A 15 -8.67 0.89 11.98
N VAL A 16 -8.92 2.23 12.04
CA VAL A 16 -9.89 2.94 11.24
C VAL A 16 -9.25 4.12 10.55
N MET A 17 -9.35 4.24 9.22
CA MET A 17 -8.80 5.38 8.66
C MET A 17 -9.64 6.60 9.04
N LEU A 18 -8.91 7.67 9.24
CA LEU A 18 -9.46 9.00 9.51
C LEU A 18 -9.93 9.60 8.18
N PRO A 19 -10.76 10.62 8.19
CA PRO A 19 -11.21 11.21 6.98
C PRO A 19 -10.11 11.84 6.23
N LEU A 20 -10.24 11.91 4.92
CA LEU A 20 -9.20 12.62 4.17
C LEU A 20 -9.38 14.06 4.47
N GLY A 21 -8.37 14.76 4.38
CA GLY A 21 -8.49 16.16 4.67
C GLY A 21 -8.65 16.62 6.14
N VAL A 22 -8.66 15.71 7.16
CA VAL A 22 -8.74 16.09 8.58
C VAL A 22 -7.81 17.28 8.96
N VAL A 23 -6.69 17.37 8.27
CA VAL A 23 -5.84 18.53 8.35
C VAL A 23 -5.89 19.02 6.93
N ASN A 24 -6.38 20.20 6.71
CA ASN A 24 -6.57 20.63 5.35
C ASN A 24 -5.37 21.17 4.63
N VAL A 25 -5.58 21.55 3.38
CA VAL A 25 -4.41 21.95 2.56
C VAL A 25 -3.68 23.08 3.14
N ASP A 26 -4.39 23.86 3.89
CA ASP A 26 -3.73 25.01 4.47
C ASP A 26 -3.00 24.68 5.71
N ASN A 27 -2.83 23.41 5.97
CA ASN A 27 -2.07 23.02 7.20
C ASN A 27 -2.84 23.47 8.47
N VAL A 28 -4.14 23.28 8.42
CA VAL A 28 -4.95 23.60 9.53
C VAL A 28 -5.76 22.41 9.98
N PHE A 29 -5.70 22.12 11.27
CA PHE A 29 -6.46 20.98 11.84
C PHE A 29 -7.86 21.50 12.04
N GLU A 30 -8.76 21.17 11.10
CA GLU A 30 -10.06 21.84 10.94
C GLU A 30 -11.14 21.78 12.01
N ASP A 31 -11.43 20.62 12.50
CA ASP A 31 -12.50 20.54 13.40
C ASP A 31 -12.23 19.54 14.46
N PRO A 32 -11.38 19.90 15.37
CA PRO A 32 -10.99 18.95 16.47
C PRO A 32 -12.19 18.48 17.29
N ASP A 33 -13.16 19.33 17.42
CA ASP A 33 -14.24 19.00 18.26
C ASP A 33 -15.03 17.94 17.68
N GLY A 34 -15.17 18.07 16.40
CA GLY A 34 -15.95 17.07 15.68
C GLY A 34 -15.27 15.68 15.64
N LEU A 35 -13.99 15.72 15.33
CA LEU A 35 -13.28 14.50 15.25
C LEU A 35 -13.31 13.86 16.55
N LYS A 36 -13.24 14.70 17.58
CA LYS A 36 -13.16 14.17 18.89
C LYS A 36 -14.36 13.34 19.27
N GLU A 37 -15.54 13.83 18.95
CA GLU A 37 -16.72 13.03 19.29
C GLU A 37 -16.69 11.72 18.49
N GLN A 38 -16.25 11.81 17.20
CA GLN A 38 -16.06 10.57 16.45
C GLN A 38 -15.08 9.55 17.12
N LEU A 39 -13.85 10.03 17.38
CA LEU A 39 -12.88 9.12 17.99
C LEU A 39 -13.37 8.46 19.28
N LEU A 40 -14.13 9.24 20.08
CA LEU A 40 -14.67 8.72 21.31
C LEU A 40 -15.60 7.59 21.03
N GLN A 41 -16.38 7.69 19.92
CA GLN A 41 -17.23 6.52 19.52
C GLN A 41 -16.39 5.29 19.19
N LEU A 42 -15.30 5.48 18.49
CA LEU A 42 -14.43 4.35 18.09
C LEU A 42 -13.83 3.64 19.28
N ARG A 43 -13.38 4.46 20.30
CA ARG A 43 -12.80 3.94 21.55
C ARG A 43 -13.82 3.07 22.30
N ALA A 44 -15.07 3.52 22.24
CA ALA A 44 -16.14 2.79 22.91
C ALA A 44 -16.44 1.49 22.26
N ALA A 45 -16.34 1.49 20.90
CA ALA A 45 -16.52 0.26 20.08
C ALA A 45 -15.45 -0.81 20.31
N GLY A 46 -14.31 -0.40 20.82
CA GLY A 46 -13.26 -1.38 20.99
C GLY A 46 -12.13 -1.35 19.95
N VAL A 47 -12.14 -0.34 19.08
CA VAL A 47 -11.18 -0.10 18.04
C VAL A 47 -9.79 0.18 18.62
N ASP A 48 -8.70 -0.45 18.07
CA ASP A 48 -7.40 -0.32 18.62
C ASP A 48 -6.72 0.98 18.27
N GLY A 49 -6.85 1.47 17.06
CA GLY A 49 -6.08 2.67 16.65
C GLY A 49 -6.69 3.26 15.36
N VAL A 50 -6.07 4.23 14.76
CA VAL A 50 -6.56 4.90 13.59
C VAL A 50 -5.38 5.18 12.69
N MET A 51 -5.67 5.40 11.42
CA MET A 51 -4.64 5.55 10.41
C MET A 51 -4.79 6.92 9.78
N VAL A 52 -3.69 7.58 9.45
CA VAL A 52 -3.84 8.94 8.90
C VAL A 52 -2.71 9.23 7.86
N ASP A 53 -3.00 9.95 6.78
CA ASP A 53 -2.00 10.45 5.82
C ASP A 53 -1.29 11.61 6.48
N VAL A 54 0.02 11.62 6.36
CA VAL A 54 0.86 12.75 6.73
C VAL A 54 1.32 13.35 5.42
N TRP A 55 0.48 14.16 4.81
CA TRP A 55 0.68 14.67 3.44
C TRP A 55 1.94 15.42 3.26
N TRP A 56 2.78 14.94 2.41
CA TRP A 56 3.99 15.68 2.04
C TRP A 56 3.66 17.01 1.48
N GLY A 57 2.62 17.04 0.70
CA GLY A 57 2.29 18.33 0.03
C GLY A 57 1.70 19.36 0.97
N ILE A 58 1.27 18.99 2.11
CA ILE A 58 0.82 20.03 3.03
C ILE A 58 2.01 20.53 3.89
N ILE A 59 2.83 19.58 4.34
CA ILE A 59 3.95 19.83 5.27
C ILE A 59 5.13 20.60 4.72
N GLU A 60 5.59 20.17 3.57
CA GLU A 60 6.77 20.80 2.98
C GLU A 60 6.41 21.74 1.86
N LEU A 61 5.21 22.37 2.03
CA LEU A 61 4.60 23.26 1.04
C LEU A 61 5.42 24.47 0.61
N LYS A 62 5.84 25.23 1.60
CA LYS A 62 6.47 26.47 1.35
C LYS A 62 7.75 26.46 0.53
N GLY A 63 8.61 25.43 0.67
CA GLY A 63 9.88 25.47 -0.03
C GLY A 63 10.69 24.31 0.54
N PRO A 64 11.85 24.04 0.03
CA PRO A 64 12.57 22.86 0.50
C PRO A 64 12.94 22.91 1.95
N LYS A 65 12.64 21.89 2.68
CA LYS A 65 12.98 21.79 4.07
C LYS A 65 12.31 22.83 4.94
N GLN A 66 11.19 23.38 4.43
CA GLN A 66 10.29 24.24 5.16
C GLN A 66 9.14 23.43 5.69
N TYR A 67 9.41 22.68 6.73
CA TYR A 67 8.32 21.83 7.23
C TYR A 67 7.56 22.58 8.26
N ASP A 68 6.23 22.34 8.31
CA ASP A 68 5.46 22.85 9.39
C ASP A 68 4.68 21.67 9.98
N TRP A 69 5.11 21.16 11.14
CA TRP A 69 4.47 19.98 11.70
C TRP A 69 3.35 20.32 12.65
N ARG A 70 3.08 21.60 12.86
CA ARG A 70 2.22 22.00 13.94
C ARG A 70 0.87 21.39 13.95
N ALA A 71 0.12 21.52 12.82
CA ALA A 71 -1.23 20.95 12.86
C ALA A 71 -1.24 19.43 13.10
N TYR A 72 -0.24 18.68 12.60
CA TYR A 72 -0.29 17.23 12.88
C TYR A 72 -0.05 16.92 14.36
N ARG A 73 0.81 17.77 14.98
CA ARG A 73 1.04 17.62 16.46
C ARG A 73 -0.27 17.72 17.24
N SER A 74 -1.13 18.67 16.86
CA SER A 74 -2.41 18.80 17.52
C SER A 74 -3.26 17.56 17.35
N LEU A 75 -3.25 17.05 16.09
CA LEU A 75 -4.11 15.93 15.79
C LEU A 75 -3.63 14.75 16.61
N PHE A 76 -2.33 14.48 16.49
CA PHE A 76 -1.72 13.38 17.26
C PHE A 76 -2.05 13.53 18.74
N GLN A 77 -2.02 14.75 19.24
CA GLN A 77 -2.32 14.89 20.66
C GLN A 77 -3.78 14.44 21.00
N LEU A 78 -4.73 14.93 20.18
CA LEU A 78 -6.13 14.52 20.34
C LEU A 78 -6.31 13.01 20.19
N VAL A 79 -5.54 12.39 19.26
CA VAL A 79 -5.67 10.89 19.14
C VAL A 79 -5.28 10.23 20.46
N GLN A 80 -4.08 10.62 20.90
CA GLN A 80 -3.54 10.15 22.22
C GLN A 80 -4.57 10.34 23.40
N GLU A 81 -5.14 11.55 23.58
CA GLU A 81 -6.23 11.76 24.55
C GLU A 81 -7.39 10.80 24.41
N CYS A 82 -7.72 10.35 23.18
CA CYS A 82 -8.82 9.44 22.98
C CYS A 82 -8.50 7.98 23.24
N GLY A 83 -7.28 7.70 23.65
CA GLY A 83 -6.98 6.33 23.96
C GLY A 83 -6.74 5.48 22.74
N LEU A 84 -6.39 6.04 21.58
CA LEU A 84 -6.25 5.17 20.40
C LEU A 84 -4.79 5.11 19.93
N THR A 85 -4.27 4.05 19.24
CA THR A 85 -2.92 4.21 18.70
C THR A 85 -3.04 4.75 17.25
N LEU A 86 -1.92 4.93 16.61
CA LEU A 86 -1.89 5.56 15.40
C LEU A 86 -0.87 4.90 14.37
N GLN A 87 -1.37 4.70 13.13
CA GLN A 87 -0.63 4.30 11.94
C GLN A 87 -0.41 5.51 11.05
N ALA A 88 0.85 5.93 10.88
CA ALA A 88 1.08 7.14 10.13
C ALA A 88 1.66 6.84 8.76
N ILE A 89 1.01 7.38 7.72
CA ILE A 89 1.54 7.16 6.37
C ILE A 89 2.42 8.30 5.97
N MET A 90 3.56 8.08 5.42
CA MET A 90 4.35 9.16 4.89
C MET A 90 3.78 9.34 3.51
N SER A 91 2.77 10.16 3.34
CA SER A 91 2.11 10.16 2.07
C SER A 91 2.81 11.12 1.13
N PHE A 92 3.69 10.60 0.26
CA PHE A 92 4.42 11.44 -0.73
C PHE A 92 3.72 11.56 -2.10
N HIS A 93 2.41 11.43 -2.11
CA HIS A 93 1.69 11.32 -3.32
C HIS A 93 0.60 12.30 -3.31
N GLN A 94 -0.16 12.40 -4.42
CA GLN A 94 -1.22 13.37 -4.44
C GLN A 94 -2.58 12.80 -4.07
N CYS A 95 -3.41 13.59 -3.37
CA CYS A 95 -4.76 13.12 -3.05
C CYS A 95 -5.69 13.77 -4.03
N GLY A 96 -6.61 12.97 -4.61
CA GLY A 96 -7.52 13.53 -5.59
C GLY A 96 -7.99 12.61 -6.78
N GLY A 97 -7.03 12.03 -7.55
CA GLY A 97 -7.40 11.28 -8.77
C GLY A 97 -7.73 9.79 -8.61
N ASN A 98 -7.86 9.32 -7.36
CA ASN A 98 -8.10 7.92 -7.18
C ASN A 98 -9.44 7.68 -6.53
N VAL A 99 -9.89 6.44 -6.51
CA VAL A 99 -11.22 6.12 -6.07
C VAL A 99 -11.47 6.71 -4.69
N GLY A 100 -12.56 7.42 -4.52
CA GLY A 100 -12.92 7.90 -3.17
C GLY A 100 -12.30 9.20 -2.79
N ASP A 101 -11.27 9.64 -3.53
CA ASP A 101 -10.62 10.89 -3.22
C ASP A 101 -11.50 12.12 -3.35
N ILE A 102 -12.14 12.56 -2.20
CA ILE A 102 -12.95 13.78 -2.14
C ILE A 102 -12.19 15.07 -1.92
N VAL A 103 -10.92 15.04 -1.67
CA VAL A 103 -10.24 16.30 -1.49
C VAL A 103 -9.01 16.33 -2.38
N ASN A 104 -8.62 17.47 -2.84
CA ASN A 104 -7.52 17.55 -3.62
C ASN A 104 -6.31 17.99 -2.81
N ILE A 105 -5.28 17.18 -2.73
CA ILE A 105 -4.05 17.61 -2.06
C ILE A 105 -2.82 17.32 -2.94
N PRO A 106 -2.25 18.29 -3.53
CA PRO A 106 -1.20 17.90 -4.41
C PRO A 106 0.14 17.79 -3.72
N ILE A 107 1.12 17.38 -4.51
CA ILE A 107 2.47 17.37 -3.97
C ILE A 107 2.92 18.81 -3.88
N PRO A 108 4.06 19.08 -3.23
CA PRO A 108 4.49 20.44 -3.09
C PRO A 108 4.55 21.29 -4.32
N GLN A 109 4.11 22.56 -4.18
CA GLN A 109 4.22 23.51 -5.23
C GLN A 109 5.66 23.69 -5.71
N TRP A 110 6.61 23.69 -4.82
CA TRP A 110 7.94 23.98 -5.36
C TRP A 110 8.45 22.85 -6.29
N VAL A 111 7.97 21.66 -6.02
CA VAL A 111 8.29 20.55 -6.86
C VAL A 111 7.53 20.65 -8.17
N LEU A 112 6.25 20.90 -8.07
CA LEU A 112 5.39 21.14 -9.24
C LEU A 112 6.02 22.16 -10.15
N ASP A 113 6.63 23.13 -9.50
CA ASP A 113 7.26 24.20 -10.25
C ASP A 113 8.44 23.72 -11.06
N ILE A 114 9.17 22.83 -10.51
CA ILE A 114 10.28 22.33 -11.25
C ILE A 114 9.77 21.56 -12.47
N GLY A 115 8.72 20.82 -12.22
CA GLY A 115 8.11 20.01 -13.22
C GLY A 115 7.57 20.85 -14.35
N GLU A 116 7.27 22.11 -14.10
CA GLU A 116 6.87 22.91 -15.22
C GLU A 116 8.05 23.03 -16.12
N SER A 117 9.21 22.85 -15.60
CA SER A 117 10.20 22.97 -16.60
C SER A 117 10.95 21.67 -16.95
N ASN A 118 10.71 20.59 -16.21
CA ASN A 118 11.29 19.28 -16.46
C ASN A 118 10.16 18.35 -16.31
N HIS A 119 9.44 18.19 -17.39
CA HIS A 119 8.20 17.47 -17.39
C HIS A 119 8.40 16.02 -17.11
N ASP A 120 9.65 15.60 -17.23
CA ASP A 120 9.99 14.21 -17.13
C ASP A 120 10.20 13.74 -15.69
N ILE A 121 9.76 14.54 -14.73
CA ILE A 121 9.80 14.14 -13.36
C ILE A 121 8.57 13.33 -13.02
N PHE A 122 7.61 13.27 -13.97
CA PHE A 122 6.39 12.53 -13.66
C PHE A 122 6.26 11.23 -14.41
N TYR A 123 5.47 10.34 -13.88
CA TYR A 123 5.14 9.20 -14.67
C TYR A 123 4.48 9.66 -16.05
N THR A 124 4.89 9.03 -17.17
CA THR A 124 4.40 9.38 -18.52
C THR A 124 3.99 8.16 -19.29
N ASN A 125 2.83 8.24 -19.92
CA ASN A 125 2.38 7.13 -20.72
C ASN A 125 2.84 7.27 -22.16
N ARG A 126 2.52 6.27 -22.98
CA ARG A 126 3.04 6.26 -24.35
C ARG A 126 2.58 7.46 -25.18
N SER A 127 1.43 7.98 -24.83
CA SER A 127 0.88 9.16 -25.48
C SER A 127 1.52 10.43 -25.06
N GLY A 128 2.31 10.38 -23.96
CA GLY A 128 3.02 11.57 -23.42
C GLY A 128 2.23 12.36 -22.36
N THR A 129 1.14 11.79 -21.83
CA THR A 129 0.44 12.43 -20.77
C THR A 129 1.25 12.24 -19.48
N ARG A 130 1.45 13.38 -18.82
CA ARG A 130 2.21 13.49 -17.58
C ARG A 130 1.24 13.29 -16.48
N ASN A 131 1.49 12.34 -15.57
CA ASN A 131 0.67 12.24 -14.39
C ASN A 131 1.41 12.91 -13.20
N LYS A 132 0.81 13.90 -12.60
CA LYS A 132 1.50 14.65 -11.59
C LYS A 132 1.31 14.12 -10.16
N GLU A 133 0.77 12.95 -9.95
CA GLU A 133 0.42 12.59 -8.59
C GLU A 133 1.54 12.02 -7.82
N TYR A 134 2.70 11.85 -8.47
CA TYR A 134 3.87 11.14 -7.78
C TYR A 134 5.09 11.19 -8.59
N LEU A 135 6.25 11.30 -7.98
CA LEU A 135 7.40 11.49 -8.82
C LEU A 135 7.85 10.11 -9.40
N THR A 136 8.27 10.10 -10.66
CA THR A 136 8.76 8.89 -11.26
C THR A 136 10.02 8.31 -10.57
N VAL A 137 10.00 6.99 -10.45
CA VAL A 137 11.16 6.22 -10.05
C VAL A 137 12.36 6.66 -10.86
N GLY A 138 12.12 7.09 -12.10
CA GLY A 138 13.19 7.52 -12.98
C GLY A 138 14.07 8.59 -12.27
N VAL A 139 13.45 9.31 -11.30
CA VAL A 139 14.26 10.37 -10.67
C VAL A 139 14.69 10.11 -9.18
N ASP A 140 14.56 8.85 -8.68
CA ASP A 140 14.91 8.51 -7.31
C ASP A 140 16.26 9.10 -6.94
N ASN A 141 17.15 9.10 -7.93
CA ASN A 141 18.55 9.44 -7.68
C ASN A 141 19.08 10.52 -8.58
N GLU A 142 18.19 11.35 -9.14
CA GLU A 142 18.68 12.46 -9.96
C GLU A 142 18.69 13.70 -9.09
N PRO A 143 19.84 14.41 -9.00
CA PRO A 143 19.95 15.52 -8.05
C PRO A 143 19.43 16.82 -8.62
N ILE A 144 18.17 16.80 -9.06
CA ILE A 144 17.63 17.90 -9.73
C ILE A 144 16.61 18.68 -8.89
N PHE A 145 16.41 18.35 -7.61
CA PHE A 145 15.37 19.11 -6.86
C PHE A 145 16.07 20.03 -5.93
N HIS A 146 16.56 21.15 -6.51
CA HIS A 146 17.39 22.16 -5.78
C HIS A 146 18.58 21.51 -5.12
N GLY A 147 19.26 20.66 -5.86
CA GLY A 147 20.41 19.97 -5.25
C GLY A 147 20.06 18.57 -4.62
N ARG A 148 18.79 18.27 -4.33
CA ARG A 148 18.49 16.93 -3.72
C ARG A 148 17.90 16.01 -4.77
N THR A 149 18.02 14.68 -4.48
CA THR A 149 17.38 13.63 -5.32
C THR A 149 16.03 13.41 -4.71
N ALA A 150 15.14 12.70 -5.39
CA ALA A 150 13.82 12.49 -4.76
C ALA A 150 14.01 11.63 -3.55
N ILE A 151 14.86 10.64 -3.62
CA ILE A 151 14.97 9.75 -2.42
C ILE A 151 15.51 10.57 -1.16
N GLU A 152 16.40 11.53 -1.46
CA GLU A 152 16.82 12.40 -0.39
C GLU A 152 15.68 13.24 0.18
N ILE A 153 14.77 13.68 -0.64
CA ILE A 153 13.65 14.47 -0.16
C ILE A 153 12.78 13.62 0.82
N TYR A 154 12.55 12.34 0.44
CA TYR A 154 11.74 11.49 1.27
C TYR A 154 12.48 11.21 2.56
N SER A 155 13.76 10.97 2.43
CA SER A 155 14.57 10.63 3.62
C SER A 155 14.63 11.79 4.67
N ASP A 156 14.84 13.01 4.14
CA ASP A 156 14.86 14.23 4.95
C ASP A 156 13.51 14.36 5.64
N TYR A 157 12.45 14.15 4.90
CA TYR A 157 11.13 14.31 5.39
C TYR A 157 10.88 13.39 6.58
N MET A 158 11.28 12.11 6.49
CA MET A 158 11.08 11.13 7.56
C MET A 158 11.91 11.39 8.79
N LYS A 159 13.17 11.84 8.54
CA LYS A 159 14.04 12.32 9.64
C LYS A 159 13.34 13.47 10.43
N SER A 160 12.85 14.45 9.66
CA SER A 160 12.19 15.58 10.25
C SER A 160 10.96 15.08 11.07
N PHE A 161 10.17 14.20 10.50
CA PHE A 161 9.04 13.71 11.15
C PHE A 161 9.49 13.02 12.43
N ARG A 162 10.56 12.28 12.37
CA ARG A 162 11.04 11.56 13.60
C ARG A 162 11.52 12.51 14.71
N GLU A 163 12.27 13.55 14.35
CA GLU A 163 12.73 14.43 15.38
C GLU A 163 11.59 15.24 15.97
N ASN A 164 10.69 15.75 15.12
CA ASN A 164 9.62 16.58 15.59
C ASN A 164 8.50 15.90 16.29
N MET A 165 8.42 14.59 16.18
CA MET A 165 7.36 13.84 16.79
C MET A 165 7.94 12.87 17.79
N SER A 166 9.21 13.13 18.24
CA SER A 166 9.85 12.15 19.12
C SER A 166 9.06 11.85 20.39
N ASP A 167 8.41 12.86 20.97
CA ASP A 167 7.64 12.60 22.19
C ASP A 167 6.51 11.59 21.91
N PHE A 168 5.68 11.85 20.88
CA PHE A 168 4.68 10.86 20.51
C PHE A 168 5.27 9.52 20.21
N LEU A 169 6.41 9.49 19.56
CA LEU A 169 7.01 8.19 19.27
C LEU A 169 7.47 7.50 20.54
N GLU A 170 8.09 8.28 21.38
CA GLU A 170 8.63 7.62 22.50
C GLU A 170 7.56 7.23 23.46
N SER A 171 6.40 7.90 23.40
CA SER A 171 5.25 7.57 24.23
C SER A 171 4.41 6.37 23.72
N GLY A 172 4.81 5.78 22.60
CA GLY A 172 4.11 4.61 22.08
C GLY A 172 2.75 4.91 21.37
N LEU A 173 2.57 6.20 20.93
CA LEU A 173 1.37 6.50 20.25
C LEU A 173 1.38 5.86 18.84
N ILE A 174 2.51 5.99 18.15
CA ILE A 174 2.62 5.56 16.78
C ILE A 174 3.03 4.08 16.68
N ILE A 175 2.19 3.29 16.09
CA ILE A 175 2.59 1.91 16.05
C ILE A 175 3.27 1.50 14.76
N ASP A 176 2.90 2.08 13.63
CA ASP A 176 3.58 1.67 12.46
C ASP A 176 3.68 2.80 11.53
N ILE A 177 4.75 2.85 10.74
CA ILE A 177 4.98 3.93 9.82
C ILE A 177 4.73 3.30 8.47
N GLU A 178 3.72 3.76 7.71
CA GLU A 178 3.53 3.15 6.44
C GLU A 178 4.30 4.02 5.40
N VAL A 179 5.33 3.49 4.69
CA VAL A 179 6.09 4.36 3.80
C VAL A 179 5.42 4.39 2.41
N GLY A 180 4.97 5.54 2.02
CA GLY A 180 4.33 5.72 0.73
C GLY A 180 5.39 5.58 -0.36
N LEU A 181 5.02 4.77 -1.36
CA LEU A 181 5.96 4.45 -2.42
C LEU A 181 5.39 4.62 -3.82
N GLY A 182 4.19 5.18 -3.93
CA GLY A 182 3.66 5.40 -5.23
C GLY A 182 2.30 6.03 -5.12
N PRO A 183 1.53 6.04 -6.22
CA PRO A 183 0.18 6.63 -6.20
C PRO A 183 -0.68 6.01 -5.08
N ALA A 184 -1.66 6.80 -4.53
CA ALA A 184 -2.45 6.25 -3.42
C ALA A 184 -1.55 5.69 -2.31
N GLY A 185 -0.24 6.06 -2.32
CA GLY A 185 0.77 5.53 -1.35
C GLY A 185 1.19 4.08 -1.58
N GLU A 186 0.76 3.45 -2.71
CA GLU A 186 1.04 2.06 -2.90
C GLU A 186 2.32 1.82 -3.74
N LEU A 187 3.05 0.74 -3.47
CA LEU A 187 4.18 0.45 -4.37
C LEU A 187 3.64 -0.07 -5.75
N ARG A 188 3.47 0.86 -6.76
CA ARG A 188 2.91 0.49 -8.09
C ARG A 188 3.02 1.64 -9.04
N TYR A 189 2.78 1.39 -10.33
CA TYR A 189 2.84 2.49 -11.31
C TYR A 189 1.42 2.98 -11.37
N PRO A 190 1.19 4.20 -11.74
CA PRO A 190 -0.18 4.65 -11.82
C PRO A 190 -0.81 4.14 -13.17
N SER A 191 -1.00 2.85 -13.29
CA SER A 191 -1.41 2.35 -14.55
C SER A 191 -2.92 2.48 -14.84
N TYR A 192 -3.74 2.83 -13.85
CA TYR A 192 -5.19 2.91 -13.96
C TYR A 192 -5.66 4.20 -13.42
N PRO A 193 -5.25 5.29 -14.06
CA PRO A 193 -5.57 6.61 -13.61
C PRO A 193 -6.96 7.03 -14.00
N GLN A 194 -7.87 7.14 -13.00
CA GLN A 194 -9.19 7.68 -13.23
C GLN A 194 -9.08 9.06 -13.94
N SER A 195 -8.08 9.85 -13.55
CA SER A 195 -7.98 11.14 -14.11
C SER A 195 -7.73 11.17 -15.65
N GLN A 196 -7.50 10.03 -16.23
CA GLN A 196 -7.16 9.91 -17.66
C GLN A 196 -8.21 9.09 -18.36
N GLY A 197 -9.29 8.84 -17.72
CA GLY A 197 -10.34 8.12 -18.34
C GLY A 197 -10.31 6.64 -18.06
N TRP A 198 -9.39 6.17 -17.21
CA TRP A 198 -9.42 4.75 -17.00
C TRP A 198 -10.70 4.35 -16.25
N GLU A 199 -11.26 3.23 -16.69
CA GLU A 199 -12.49 2.66 -16.11
C GLU A 199 -12.24 1.22 -15.67
N PHE A 200 -13.07 0.77 -14.73
CA PHE A 200 -12.79 -0.42 -13.92
C PHE A 200 -12.13 -1.50 -14.77
N PRO A 201 -12.89 -2.46 -15.34
CA PRO A 201 -12.32 -3.70 -15.82
C PRO A 201 -11.30 -3.43 -16.90
N ARG A 202 -10.64 -2.30 -16.78
CA ARG A 202 -9.76 -1.80 -17.84
C ARG A 202 -8.32 -2.22 -17.59
N ILE A 203 -7.65 -2.68 -18.66
CA ILE A 203 -6.28 -3.22 -18.52
C ILE A 203 -5.21 -2.25 -17.94
N GLY A 204 -5.36 -0.97 -18.22
CA GLY A 204 -4.42 0.07 -17.82
C GLY A 204 -3.19 0.17 -18.77
N GLU A 205 -2.36 1.15 -18.58
CA GLU A 205 -1.19 1.26 -19.49
C GLU A 205 0.09 1.31 -18.70
N PHE A 206 1.17 0.85 -19.35
CA PHE A 206 2.53 0.93 -18.84
C PHE A 206 2.85 2.38 -18.67
N GLN A 207 3.68 2.65 -17.67
CA GLN A 207 4.00 4.00 -17.39
C GLN A 207 5.51 4.21 -17.33
N CYS A 208 6.25 3.83 -18.39
CA CYS A 208 7.71 3.97 -18.37
C CYS A 208 8.22 4.88 -19.42
N TYR A 209 7.40 5.81 -19.88
CA TYR A 209 7.75 6.63 -20.99
C TYR A 209 8.49 7.94 -20.67
N ASP A 210 8.59 8.34 -19.38
CA ASP A 210 9.34 9.54 -19.09
C ASP A 210 10.79 9.36 -19.57
N LYS A 211 11.47 10.47 -19.80
CA LYS A 211 12.82 10.39 -20.33
C LYS A 211 13.80 9.55 -19.59
N TYR A 212 13.65 9.38 -18.27
CA TYR A 212 14.76 8.77 -17.54
C TYR A 212 14.56 7.34 -17.58
N LEU A 213 13.29 6.95 -17.45
CA LEU A 213 13.05 5.51 -17.51
C LEU A 213 13.39 4.99 -18.89
N LYS A 214 12.94 5.73 -19.90
CA LYS A 214 13.22 5.34 -21.25
C LYS A 214 14.76 5.18 -21.55
N ALA A 215 15.58 6.10 -21.07
CA ALA A 215 16.98 6.01 -21.37
C ALA A 215 17.57 4.81 -20.62
N ASP A 216 17.07 4.53 -19.38
CA ASP A 216 17.56 3.46 -18.65
C ASP A 216 17.27 2.15 -19.40
N PHE A 217 16.05 2.06 -19.90
CA PHE A 217 15.61 0.87 -20.59
C PHE A 217 16.43 0.67 -21.84
N LYS A 218 16.68 1.74 -22.59
CA LYS A 218 17.52 1.66 -23.78
C LYS A 218 18.91 1.17 -23.47
N ALA A 219 19.51 1.67 -22.42
CA ALA A 219 20.83 1.22 -22.09
C ALA A 219 20.83 -0.26 -21.65
N ALA A 220 19.79 -0.67 -20.91
CA ALA A 220 19.74 -2.05 -20.46
C ALA A 220 19.60 -3.06 -21.62
N VAL A 221 18.73 -2.75 -22.59
CA VAL A 221 18.58 -3.64 -23.74
C VAL A 221 19.88 -3.70 -24.52
N ALA A 222 20.55 -2.56 -24.71
CA ALA A 222 21.84 -2.56 -25.38
C ALA A 222 22.80 -3.47 -24.68
N ARG A 223 22.83 -3.51 -23.33
CA ARG A 223 23.79 -4.36 -22.63
C ARG A 223 23.38 -5.87 -22.77
N ALA A 224 22.09 -6.13 -22.98
CA ALA A 224 21.57 -7.45 -23.14
C ALA A 224 21.86 -7.98 -24.52
N GLY A 225 22.25 -7.10 -25.40
CA GLY A 225 22.52 -7.46 -26.77
C GLY A 225 21.50 -7.02 -27.80
N HIS A 226 20.51 -6.22 -27.45
CA HIS A 226 19.47 -5.84 -28.36
C HIS A 226 19.15 -4.40 -28.29
N PRO A 227 20.11 -3.61 -28.65
CA PRO A 227 20.01 -2.18 -28.62
C PRO A 227 18.82 -1.73 -29.37
N GLU A 228 18.33 -2.60 -30.23
CA GLU A 228 17.26 -2.26 -31.12
C GLU A 228 15.94 -2.38 -30.47
N TRP A 229 15.86 -3.18 -29.41
CA TRP A 229 14.60 -3.26 -28.70
C TRP A 229 14.08 -1.89 -28.20
N GLU A 230 12.82 -1.80 -28.23
CA GLU A 230 12.11 -0.59 -27.89
C GLU A 230 11.02 -0.82 -26.78
N LEU A 231 10.44 0.26 -26.26
CA LEU A 231 9.42 0.12 -25.24
C LEU A 231 8.16 -0.41 -25.91
N PRO A 232 7.30 -1.12 -25.24
CA PRO A 232 6.10 -1.67 -25.84
C PRO A 232 5.31 -0.71 -26.66
N ASP A 233 5.04 -1.13 -27.87
CA ASP A 233 4.15 -0.27 -28.62
C ASP A 233 2.90 -0.98 -29.06
N ASP A 234 2.63 -2.14 -28.53
CA ASP A 234 1.45 -2.80 -28.98
C ASP A 234 0.60 -3.17 -27.81
N ALA A 235 0.76 -2.40 -26.69
CA ALA A 235 -0.05 -2.74 -25.45
C ALA A 235 -1.44 -2.23 -25.41
N GLY A 236 -1.82 -1.34 -26.29
CA GLY A 236 -3.22 -0.92 -26.24
C GLY A 236 -3.39 0.35 -25.42
N LYS A 237 -4.61 0.55 -24.91
CA LYS A 237 -4.90 1.75 -24.13
C LYS A 237 -5.64 1.44 -22.83
N TYR A 238 -5.77 2.45 -21.90
CA TYR A 238 -6.35 2.20 -20.56
C TYR A 238 -7.47 1.18 -20.48
N ASN A 239 -8.48 1.42 -21.33
CA ASN A 239 -9.67 0.59 -21.32
C ASN A 239 -9.72 -0.62 -22.26
N ASP A 240 -8.59 -1.09 -22.83
CA ASP A 240 -8.70 -2.26 -23.68
C ASP A 240 -8.97 -3.43 -22.84
N VAL A 241 -9.23 -4.56 -23.48
CA VAL A 241 -9.21 -5.88 -22.87
C VAL A 241 -7.99 -6.56 -23.49
N PRO A 242 -7.37 -7.55 -22.80
CA PRO A 242 -6.09 -8.01 -23.27
C PRO A 242 -6.12 -8.59 -24.69
N GLU A 243 -7.14 -9.40 -25.01
CA GLU A 243 -7.18 -10.16 -26.28
C GLU A 243 -7.14 -9.20 -27.39
N SER A 244 -7.56 -8.00 -27.09
CA SER A 244 -7.59 -7.03 -28.13
C SER A 244 -6.25 -6.31 -28.39
N THR A 245 -5.15 -6.80 -27.77
CA THR A 245 -3.84 -6.14 -27.90
C THR A 245 -2.78 -7.09 -28.43
N GLY A 246 -1.75 -6.56 -29.05
CA GLY A 246 -0.72 -7.52 -29.46
C GLY A 246 0.17 -8.05 -28.29
N PHE A 247 0.34 -7.15 -27.31
CA PHE A 247 1.24 -7.43 -26.23
C PHE A 247 0.62 -8.56 -25.41
N PHE A 248 -0.70 -8.41 -25.05
CA PHE A 248 -1.28 -9.36 -24.10
C PHE A 248 -2.09 -10.57 -24.76
N LYS A 249 -2.26 -10.61 -26.11
CA LYS A 249 -3.04 -11.69 -26.60
C LYS A 249 -2.23 -13.03 -26.46
N SER A 250 -2.89 -14.18 -26.60
CA SER A 250 -2.11 -15.36 -26.43
C SER A 250 -0.98 -15.47 -27.45
N ASN A 251 0.19 -15.94 -27.03
CA ASN A 251 1.29 -15.94 -27.91
C ASN A 251 1.66 -14.49 -28.30
N GLY A 252 1.24 -13.46 -27.54
CA GLY A 252 1.61 -12.10 -27.87
C GLY A 252 3.07 -11.74 -27.42
N THR A 253 3.38 -10.45 -27.50
CA THR A 253 4.66 -10.03 -27.09
C THR A 253 5.06 -10.33 -25.67
N TYR A 254 4.12 -10.30 -24.74
CA TYR A 254 4.51 -10.55 -23.33
C TYR A 254 5.24 -11.89 -23.09
N VAL A 255 5.11 -12.88 -24.04
CA VAL A 255 5.80 -14.16 -23.83
C VAL A 255 7.03 -14.28 -24.67
N THR A 256 7.40 -13.21 -25.39
CA THR A 256 8.67 -13.18 -26.12
C THR A 256 9.83 -12.79 -25.24
N GLU A 257 11.06 -13.02 -25.74
CA GLU A 257 12.31 -12.68 -25.08
C GLU A 257 12.29 -11.20 -24.69
N LYS A 258 11.89 -10.37 -25.65
CA LYS A 258 11.82 -8.94 -25.36
C LYS A 258 10.71 -8.49 -24.40
N GLY A 259 9.57 -9.13 -24.44
CA GLY A 259 8.49 -8.79 -23.54
C GLY A 259 8.91 -9.14 -22.17
N LYS A 260 9.60 -10.29 -22.05
CA LYS A 260 10.01 -10.83 -20.75
C LYS A 260 11.01 -9.97 -20.17
N PHE A 261 11.94 -9.65 -21.04
CA PHE A 261 12.96 -8.76 -20.63
C PHE A 261 12.37 -7.39 -20.16
N PHE A 262 11.46 -6.80 -20.93
CA PHE A 262 10.88 -5.51 -20.55
C PHE A 262 10.17 -5.66 -19.19
N LEU A 263 9.41 -6.74 -19.10
CA LEU A 263 8.61 -6.98 -17.93
C LEU A 263 9.46 -7.12 -16.69
N THR A 264 10.57 -7.78 -16.86
CA THR A 264 11.36 -7.98 -15.71
C THR A 264 11.98 -6.63 -15.34
N TRP A 265 12.38 -5.89 -16.37
CA TRP A 265 12.98 -4.62 -16.12
C TRP A 265 12.01 -3.67 -15.35
N TYR A 266 10.82 -3.54 -15.89
CA TYR A 266 9.77 -2.72 -15.39
C TYR A 266 9.35 -3.05 -13.90
N SER A 267 9.19 -4.36 -13.55
CA SER A 267 8.79 -4.79 -12.19
C SER A 267 10.00 -4.68 -11.26
N ASN A 268 11.22 -4.90 -11.82
CA ASN A 268 12.43 -4.68 -10.98
C ASN A 268 12.61 -3.17 -10.50
N LYS A 269 12.24 -2.20 -11.29
CA LYS A 269 12.37 -0.83 -10.93
C LYS A 269 11.60 -0.58 -9.65
N LEU A 270 10.42 -1.18 -9.56
CA LEU A 270 9.68 -1.04 -8.33
C LEU A 270 10.42 -1.71 -7.17
N LEU A 271 10.78 -2.95 -7.31
CA LEU A 271 11.44 -3.61 -6.19
C LEU A 271 12.56 -2.77 -5.70
N ASN A 272 13.22 -2.19 -6.63
CA ASN A 272 14.42 -1.39 -6.25
C ASN A 272 14.08 -0.08 -5.60
N HIS A 273 13.04 0.51 -6.12
CA HIS A 273 12.52 1.73 -5.55
C HIS A 273 12.08 1.50 -4.10
N GLY A 274 11.31 0.45 -3.90
CA GLY A 274 10.91 0.16 -2.55
C GLY A 274 12.12 -0.09 -1.63
N ASP A 275 13.12 -0.86 -2.09
CA ASP A 275 14.23 -1.26 -1.22
C ASP A 275 15.12 -0.11 -0.78
N GLN A 276 15.42 0.82 -1.68
CA GLN A 276 16.20 2.01 -1.39
C GLN A 276 15.48 2.95 -0.43
N ILE A 277 14.20 3.26 -0.67
CA ILE A 277 13.48 4.13 0.26
C ILE A 277 13.26 3.52 1.66
N LEU A 278 13.01 2.23 1.76
CA LEU A 278 12.86 1.55 3.04
C LEU A 278 14.21 1.62 3.76
N ASP A 279 15.25 1.61 3.00
CA ASP A 279 16.56 1.73 3.57
C ASP A 279 16.64 3.06 4.32
N GLU A 280 16.18 4.13 3.68
CA GLU A 280 16.20 5.47 4.28
C GLU A 280 15.28 5.53 5.50
N ALA A 281 14.10 4.86 5.37
CA ALA A 281 13.11 4.86 6.44
C ALA A 281 13.72 4.18 7.67
N ASN A 282 14.42 3.15 7.40
CA ASN A 282 14.94 2.39 8.49
C ASN A 282 15.96 3.21 9.21
N LYS A 283 16.68 3.98 8.46
CA LYS A 283 17.66 4.78 9.09
C LYS A 283 17.01 5.95 9.83
N ALA A 284 16.00 6.53 9.29
CA ALA A 284 15.31 7.57 9.99
C ALA A 284 14.65 7.13 11.33
N PHE A 285 14.12 5.89 11.43
CA PHE A 285 13.35 5.56 12.65
C PHE A 285 14.09 4.62 13.54
N LEU A 286 15.38 4.44 13.17
CA LEU A 286 16.19 3.48 13.88
C LEU A 286 16.04 3.68 15.43
N GLY A 287 15.80 2.63 16.18
CA GLY A 287 15.72 2.79 17.59
C GLY A 287 14.33 3.12 18.09
N CYS A 288 13.46 3.67 17.21
CA CYS A 288 12.06 4.01 17.62
C CYS A 288 11.24 2.72 17.85
N LYS A 289 10.26 2.71 18.79
CA LYS A 289 9.43 1.55 18.91
C LYS A 289 8.30 1.57 17.82
N VAL A 290 8.58 1.25 16.56
CA VAL A 290 7.58 1.29 15.50
C VAL A 290 7.92 0.20 14.51
N LYS A 291 6.96 -0.30 13.74
CA LYS A 291 7.25 -1.18 12.61
C LYS A 291 7.15 -0.36 11.34
N LEU A 292 7.81 -0.81 10.28
CA LEU A 292 7.65 -0.12 8.99
C LEU A 292 6.69 -0.97 8.20
N ALA A 293 5.96 -0.39 7.26
CA ALA A 293 5.03 -1.16 6.47
C ALA A 293 4.97 -0.54 5.10
N ILE A 294 4.61 -1.35 4.05
CA ILE A 294 4.36 -0.75 2.71
C ILE A 294 3.05 -1.27 2.31
N LYS A 295 2.51 -0.60 1.29
CA LYS A 295 1.17 -0.95 0.79
C LYS A 295 1.26 -1.50 -0.62
N VAL A 296 0.65 -2.65 -0.80
CA VAL A 296 0.66 -3.31 -2.13
C VAL A 296 -0.81 -3.32 -2.62
N SER A 297 -1.04 -2.83 -3.83
CA SER A 297 -2.41 -2.77 -4.37
C SER A 297 -3.01 -4.17 -4.71
N GLY A 298 -4.32 -4.40 -4.47
CA GLY A 298 -4.85 -5.74 -4.83
C GLY A 298 -5.47 -5.66 -6.25
N ILE A 299 -4.75 -6.03 -7.29
CA ILE A 299 -5.33 -5.80 -8.66
C ILE A 299 -5.93 -7.11 -9.17
N HIS A 300 -7.22 -7.35 -8.89
CA HIS A 300 -7.77 -8.70 -9.02
C HIS A 300 -8.30 -8.99 -10.40
N TRP A 301 -8.53 -7.95 -11.12
CA TRP A 301 -9.04 -7.98 -12.48
C TRP A 301 -8.02 -8.50 -13.50
N TRP A 302 -8.46 -9.46 -14.32
CA TRP A 302 -7.66 -10.17 -15.31
C TRP A 302 -6.82 -11.22 -14.65
N TYR A 303 -7.03 -11.33 -13.35
CA TYR A 303 -6.22 -12.28 -12.61
C TYR A 303 -6.44 -13.65 -13.18
N LYS A 304 -7.69 -13.85 -13.61
CA LYS A 304 -8.02 -15.22 -14.01
C LYS A 304 -7.71 -15.53 -15.46
N VAL A 305 -7.04 -14.61 -16.21
CA VAL A 305 -6.56 -14.96 -17.53
C VAL A 305 -5.09 -15.19 -17.43
N GLU A 306 -4.51 -15.90 -18.39
CA GLU A 306 -3.10 -16.20 -18.37
C GLU A 306 -2.18 -14.99 -18.38
N ASN A 307 -2.64 -13.90 -18.96
CA ASN A 307 -1.82 -12.71 -19.14
C ASN A 307 -1.78 -11.74 -17.94
N HIS A 308 -2.76 -11.79 -17.00
CA HIS A 308 -2.72 -10.97 -15.76
C HIS A 308 -2.42 -9.53 -16.15
N ALA A 309 -3.06 -9.08 -17.25
CA ALA A 309 -2.66 -7.78 -17.84
C ALA A 309 -2.54 -6.57 -16.86
N ALA A 310 -3.61 -6.36 -16.06
CA ALA A 310 -3.72 -5.23 -15.12
C ALA A 310 -2.59 -5.34 -14.12
N GLU A 311 -2.36 -6.55 -13.67
CA GLU A 311 -1.24 -6.68 -12.75
C GLU A 311 0.05 -6.24 -13.43
N LEU A 312 0.30 -6.77 -14.62
CA LEU A 312 1.50 -6.42 -15.36
C LEU A 312 1.66 -4.94 -15.57
N THR A 313 0.63 -4.26 -16.00
CA THR A 313 0.89 -2.87 -16.22
C THR A 313 1.14 -2.05 -14.94
N ALA A 314 0.61 -2.56 -13.84
CA ALA A 314 0.80 -1.86 -12.56
C ALA A 314 2.25 -2.15 -12.02
N GLY A 315 2.97 -3.14 -12.63
CA GLY A 315 4.36 -3.37 -12.17
C GLY A 315 4.46 -4.61 -11.32
N TYR A 316 3.37 -5.37 -11.25
CA TYR A 316 3.44 -6.64 -10.56
C TYR A 316 3.60 -7.78 -11.56
N TYR A 317 4.85 -8.23 -11.81
CA TYR A 317 5.06 -9.24 -12.90
C TYR A 317 4.57 -10.61 -12.44
N ASN A 318 3.28 -10.70 -12.20
CA ASN A 318 2.68 -11.91 -11.73
C ASN A 318 1.93 -12.70 -12.84
N LEU A 319 2.33 -14.00 -13.01
CA LEU A 319 1.65 -14.90 -13.95
C LEU A 319 1.32 -16.20 -13.28
N ASN A 320 0.73 -17.12 -14.02
CA ASN A 320 0.48 -18.42 -13.40
C ASN A 320 1.72 -19.18 -13.14
N ASP A 321 2.76 -18.86 -13.85
CA ASP A 321 3.99 -19.59 -13.56
C ASP A 321 5.14 -18.71 -13.01
N ARG A 322 4.80 -17.48 -12.54
CA ARG A 322 5.88 -16.66 -11.99
C ARG A 322 5.26 -15.88 -10.85
N ASP A 323 5.67 -16.14 -9.62
CA ASP A 323 5.04 -15.45 -8.48
C ASP A 323 5.58 -13.99 -8.45
N GLY A 324 4.75 -13.01 -8.78
CA GLY A 324 5.39 -11.70 -8.78
C GLY A 324 5.18 -10.87 -7.45
N TYR A 325 4.63 -11.49 -6.36
CA TYR A 325 4.48 -10.82 -5.08
C TYR A 325 5.49 -11.33 -4.07
N ARG A 326 5.80 -12.64 -4.16
CA ARG A 326 6.67 -13.18 -3.20
C ARG A 326 8.00 -12.49 -3.15
N PRO A 327 8.48 -12.02 -4.27
CA PRO A 327 9.72 -11.29 -4.25
C PRO A 327 9.61 -9.99 -3.47
N ILE A 328 8.45 -9.36 -3.52
CA ILE A 328 8.29 -8.15 -2.75
C ILE A 328 8.37 -8.53 -1.29
N ALA A 329 7.80 -9.64 -0.95
CA ALA A 329 7.82 -9.97 0.48
C ALA A 329 9.26 -10.27 0.96
N ARG A 330 9.97 -10.96 0.10
CA ARG A 330 11.32 -11.32 0.56
C ARG A 330 12.12 -10.00 0.70
N MET A 331 11.94 -9.04 -0.18
CA MET A 331 12.57 -7.73 -0.03
C MET A 331 12.20 -7.08 1.31
N LEU A 332 10.92 -7.09 1.67
CA LEU A 332 10.49 -6.58 2.94
C LEU A 332 11.20 -7.31 4.04
N SER A 333 11.51 -8.57 3.86
CA SER A 333 12.12 -9.24 5.01
C SER A 333 13.40 -8.60 5.61
N ARG A 334 14.25 -7.97 4.77
CA ARG A 334 15.47 -7.46 5.32
C ARG A 334 15.26 -6.27 6.14
N HIS A 335 14.16 -5.58 5.87
CA HIS A 335 13.78 -4.39 6.59
C HIS A 335 12.88 -4.72 7.77
N HIS A 336 12.50 -6.00 7.94
CA HIS A 336 11.61 -6.40 8.97
C HIS A 336 10.25 -5.71 8.87
N ALA A 337 9.78 -5.42 7.65
CA ALA A 337 8.57 -4.67 7.39
C ALA A 337 7.36 -5.55 7.09
N ILE A 338 6.24 -4.89 7.24
CA ILE A 338 4.96 -5.48 7.11
C ILE A 338 4.46 -5.15 5.70
N LEU A 339 3.81 -6.14 5.09
CA LEU A 339 3.21 -5.98 3.76
C LEU A 339 1.72 -5.72 4.00
N ASN A 340 1.35 -4.53 3.72
CA ASN A 340 -0.03 -4.16 3.91
C ASN A 340 -0.77 -4.34 2.56
N PHE A 341 -1.56 -5.38 2.50
CA PHE A 341 -2.30 -5.70 1.24
C PHE A 341 -3.68 -4.96 1.19
N THR A 342 -3.74 -4.01 0.33
CA THR A 342 -4.82 -3.05 0.32
C THR A 342 -6.28 -3.45 -0.15
N CYS A 343 -6.57 -4.74 -0.30
CA CYS A 343 -7.85 -5.18 -0.78
C CYS A 343 -8.13 -6.47 -0.10
N LEU A 344 -9.13 -6.57 0.72
CA LEU A 344 -9.26 -7.86 1.44
C LEU A 344 -10.71 -8.37 1.44
N GLU A 345 -11.63 -7.48 1.10
CA GLU A 345 -12.99 -7.80 1.36
C GLU A 345 -13.81 -8.54 0.27
N MET A 346 -13.37 -8.38 -0.94
CA MET A 346 -14.20 -8.82 -2.05
C MET A 346 -14.29 -10.33 -2.28
N ARG A 347 -15.47 -10.74 -2.77
CA ARG A 347 -15.68 -12.14 -3.12
C ARG A 347 -15.67 -12.25 -4.64
N ASP A 348 -15.24 -13.37 -5.19
CA ASP A 348 -15.16 -13.48 -6.69
C ASP A 348 -16.54 -13.23 -7.35
N SER A 349 -17.56 -13.75 -6.72
CA SER A 349 -18.86 -13.57 -7.27
C SER A 349 -19.41 -12.19 -7.24
N GLU A 350 -18.73 -11.25 -6.69
CA GLU A 350 -19.31 -9.90 -6.59
C GLU A 350 -18.83 -9.13 -7.84
N GLN A 351 -17.92 -9.79 -8.63
CA GLN A 351 -17.37 -9.12 -9.81
C GLN A 351 -18.16 -9.39 -11.12
N PRO A 352 -18.27 -8.39 -12.00
CA PRO A 352 -18.81 -8.62 -13.32
C PRO A 352 -18.02 -9.70 -13.96
N SER A 353 -18.72 -10.65 -14.54
CA SER A 353 -18.03 -11.81 -15.16
C SER A 353 -16.97 -11.46 -16.20
N ASP A 354 -17.15 -10.29 -16.85
CA ASP A 354 -16.30 -9.87 -17.91
C ASP A 354 -14.97 -9.25 -17.40
N ALA A 355 -14.76 -9.32 -16.11
CA ALA A 355 -13.53 -8.79 -15.57
C ALA A 355 -12.50 -9.89 -15.36
N LYS A 356 -12.91 -11.16 -15.41
CA LYS A 356 -12.02 -12.28 -15.14
C LYS A 356 -11.28 -12.00 -13.84
N SER A 357 -12.06 -11.71 -12.80
CA SER A 357 -11.60 -11.25 -11.54
C SER A 357 -11.37 -12.35 -10.59
N GLY A 358 -10.20 -12.41 -9.95
CA GLY A 358 -10.01 -13.48 -9.01
C GLY A 358 -9.58 -12.93 -7.64
N PRO A 359 -10.35 -11.97 -7.08
CA PRO A 359 -9.98 -11.38 -5.75
C PRO A 359 -9.61 -12.43 -4.62
N GLN A 360 -10.49 -13.40 -4.33
CA GLN A 360 -10.13 -14.37 -3.29
C GLN A 360 -8.85 -15.13 -3.52
N GLU A 361 -8.61 -15.53 -4.75
CA GLU A 361 -7.33 -16.30 -5.10
C GLU A 361 -6.11 -15.41 -5.00
N LEU A 362 -6.24 -14.17 -5.50
CA LEU A 362 -5.19 -13.14 -5.41
C LEU A 362 -4.78 -13.03 -3.90
N VAL A 363 -5.78 -12.85 -3.02
CA VAL A 363 -5.49 -12.79 -1.58
C VAL A 363 -4.72 -13.99 -1.06
N GLN A 364 -5.21 -15.21 -1.32
CA GLN A 364 -4.46 -16.33 -0.84
C GLN A 364 -3.06 -16.40 -1.31
N GLN A 365 -2.87 -16.06 -2.57
CA GLN A 365 -1.54 -16.02 -3.12
C GLN A 365 -0.63 -15.08 -2.29
N VAL A 366 -1.05 -13.80 -2.22
CA VAL A 366 -0.28 -12.74 -1.57
C VAL A 366 -0.02 -13.03 -0.08
N LEU A 367 -1.10 -13.40 0.73
CA LEU A 367 -0.80 -13.60 2.15
C LEU A 367 0.09 -14.80 2.41
N SER A 368 -0.18 -15.89 1.60
CA SER A 368 0.60 -17.13 1.71
C SER A 368 2.06 -16.77 1.46
N GLY A 369 2.28 -16.02 0.36
CA GLY A 369 3.68 -15.69 -0.03
C GLY A 369 4.42 -14.97 1.14
N GLY A 370 3.66 -14.10 1.75
CA GLY A 370 4.17 -13.37 2.95
C GLY A 370 4.52 -14.34 4.06
N TRP A 371 3.54 -15.07 4.44
CA TRP A 371 3.76 -15.98 5.57
C TRP A 371 4.89 -16.96 5.28
N ARG A 372 4.96 -17.37 4.04
CA ARG A 372 5.96 -18.30 3.66
C ARG A 372 7.38 -17.67 3.82
N GLU A 373 7.56 -16.40 3.43
CA GLU A 373 8.84 -15.68 3.63
C GLU A 373 9.02 -15.19 5.10
N ASP A 374 7.99 -15.42 5.95
CA ASP A 374 8.05 -15.11 7.37
C ASP A 374 8.03 -13.63 7.65
N ILE A 375 7.16 -12.86 6.97
CA ILE A 375 7.06 -11.48 7.28
C ILE A 375 5.68 -11.28 7.82
N ARG A 376 5.38 -10.11 8.37
CA ARG A 376 4.08 -9.87 8.89
C ARG A 376 3.20 -9.36 7.80
N VAL A 377 1.91 -9.70 7.81
CA VAL A 377 0.94 -9.27 6.70
C VAL A 377 -0.25 -8.56 7.26
N ALA A 378 -0.60 -7.41 6.68
CA ALA A 378 -1.73 -6.67 7.14
C ALA A 378 -2.62 -6.33 5.93
N GLY A 379 -3.69 -5.63 6.11
CA GLY A 379 -4.39 -5.29 4.85
C GLY A 379 -5.54 -4.36 5.13
N GLU A 380 -6.27 -3.95 4.04
CA GLU A 380 -7.39 -3.05 4.16
C GLU A 380 -8.51 -3.42 3.22
N ASN A 381 -9.67 -2.87 3.45
CA ASN A 381 -10.70 -3.08 2.52
C ASN A 381 -10.48 -2.06 1.43
N ALA A 382 -10.86 -2.44 0.21
CA ALA A 382 -10.65 -1.54 -0.88
C ALA A 382 -11.76 -0.60 -1.04
N LEU A 383 -13.00 -1.02 -0.75
CA LEU A 383 -14.09 -0.08 -1.01
C LEU A 383 -14.93 -0.03 0.22
N PRO A 384 -15.77 1.02 0.33
CA PRO A 384 -16.57 1.12 1.53
C PRO A 384 -17.56 0.04 1.62
N ARG A 385 -17.56 -0.70 2.69
CA ARG A 385 -18.61 -1.66 2.86
C ARG A 385 -19.12 -1.56 4.32
N TYR A 386 -20.41 -1.87 4.54
CA TYR A 386 -21.00 -1.91 5.84
C TYR A 386 -21.70 -3.20 6.19
N ASP A 387 -21.65 -4.25 5.31
CA ASP A 387 -22.48 -5.45 5.50
C ASP A 387 -21.75 -6.64 6.05
N ALA A 388 -22.51 -7.55 6.63
CA ALA A 388 -21.87 -8.66 7.28
C ALA A 388 -21.02 -9.42 6.33
N THR A 389 -21.43 -9.28 5.05
CA THR A 389 -20.75 -10.04 3.98
C THR A 389 -19.27 -9.63 3.83
N ALA A 390 -19.01 -8.31 3.57
CA ALA A 390 -17.71 -7.73 3.62
C ALA A 390 -17.02 -8.20 4.90
N TYR A 391 -17.64 -7.88 6.07
CA TYR A 391 -16.98 -8.16 7.29
C TYR A 391 -16.62 -9.56 7.42
N ASN A 392 -17.49 -10.50 7.10
CA ASN A 392 -17.09 -11.91 7.33
C ASN A 392 -15.94 -12.40 6.40
N GLN A 393 -15.81 -11.77 5.28
CA GLN A 393 -14.70 -12.08 4.37
C GLN A 393 -13.35 -11.58 5.00
N ILE A 394 -13.36 -10.36 5.58
CA ILE A 394 -12.14 -9.82 6.13
C ILE A 394 -11.70 -10.67 7.32
N ILE A 395 -12.71 -11.09 8.13
CA ILE A 395 -12.42 -11.96 9.26
C ILE A 395 -11.75 -13.31 8.83
N LEU A 396 -12.25 -13.87 7.72
CA LEU A 396 -11.74 -15.17 7.21
C LEU A 396 -10.26 -14.97 6.78
N ASN A 397 -10.01 -13.92 6.00
CA ASN A 397 -8.62 -13.57 5.58
C ASN A 397 -7.73 -13.36 6.81
N ALA A 398 -8.30 -12.86 7.91
CA ALA A 398 -7.53 -12.52 9.05
C ALA A 398 -6.99 -13.74 9.71
N LYS A 399 -7.86 -14.73 9.73
CA LYS A 399 -7.48 -16.00 10.38
C LYS A 399 -7.97 -17.11 9.46
N PRO A 400 -7.24 -17.37 8.41
CA PRO A 400 -7.66 -18.31 7.39
C PRO A 400 -8.05 -19.72 7.85
N GLN A 401 -7.45 -20.16 8.92
CA GLN A 401 -7.71 -21.48 9.47
C GLN A 401 -8.52 -21.45 10.82
N GLY A 402 -9.21 -20.34 11.06
CA GLY A 402 -9.99 -20.26 12.24
C GLY A 402 -9.14 -20.01 13.45
N VAL A 403 -9.84 -19.98 14.56
CA VAL A 403 -9.28 -19.68 15.86
C VAL A 403 -8.67 -20.92 16.42
N ASN A 404 -7.59 -20.79 17.20
CA ASN A 404 -7.03 -21.86 17.96
C ASN A 404 -7.37 -21.68 19.42
N ASN A 405 -8.09 -22.65 19.90
CA ASN A 405 -8.54 -22.60 21.25
C ASN A 405 -7.48 -22.89 22.24
N ASN A 406 -6.37 -23.42 21.79
CA ASN A 406 -5.35 -23.75 22.75
C ASN A 406 -4.04 -23.31 22.29
N GLY A 407 -3.96 -22.06 21.91
CA GLY A 407 -2.72 -21.54 21.37
C GLY A 407 -3.06 -20.45 20.37
N PRO A 408 -2.03 -19.90 19.80
CA PRO A 408 -2.12 -18.88 18.80
C PRO A 408 -2.50 -19.59 17.52
N PRO A 409 -3.18 -18.93 16.59
CA PRO A 409 -3.57 -19.59 15.31
C PRO A 409 -2.34 -19.87 14.50
N LYS A 410 -2.31 -20.90 13.63
CA LYS A 410 -1.05 -21.06 12.83
C LYS A 410 -0.93 -19.99 11.81
N LEU A 411 -2.05 -19.47 11.37
CA LEU A 411 -1.95 -18.38 10.44
C LEU A 411 -2.78 -17.24 10.93
N SER A 412 -2.23 -16.01 10.97
CA SER A 412 -3.01 -14.83 11.24
C SER A 412 -2.36 -13.57 10.74
N MET A 413 -3.19 -12.64 10.31
CA MET A 413 -2.76 -11.34 9.90
C MET A 413 -2.44 -10.49 11.13
N PHE A 414 -1.63 -9.49 10.92
CA PHE A 414 -1.02 -8.67 11.97
C PHE A 414 -1.91 -7.49 12.33
N GLY A 415 -2.82 -7.17 11.43
CA GLY A 415 -3.77 -6.13 11.64
C GLY A 415 -4.59 -5.87 10.36
N VAL A 416 -5.72 -5.17 10.52
CA VAL A 416 -6.56 -4.77 9.43
C VAL A 416 -6.96 -3.35 9.66
N THR A 417 -6.76 -2.51 8.68
CA THR A 417 -7.19 -1.12 8.74
C THR A 417 -8.40 -0.91 7.83
N TYR A 418 -9.54 -0.73 8.49
CA TYR A 418 -10.85 -0.51 7.85
C TYR A 418 -10.81 0.80 7.04
N LEU A 419 -11.71 0.87 6.06
CA LEU A 419 -11.74 1.99 5.09
C LEU A 419 -12.65 3.12 5.59
N ARG A 420 -12.01 4.05 6.26
CA ARG A 420 -12.54 5.39 6.55
C ARG A 420 -13.61 5.34 7.63
N LEU A 421 -13.56 6.38 8.44
CA LEU A 421 -14.55 6.66 9.48
C LEU A 421 -15.38 7.89 9.09
N SER A 422 -16.57 7.59 8.58
CA SER A 422 -17.50 8.61 8.10
C SER A 422 -18.77 8.59 8.93
N ASP A 423 -19.68 9.53 8.62
CA ASP A 423 -20.96 9.55 9.31
C ASP A 423 -21.74 8.30 9.09
N ASP A 424 -21.62 7.82 7.83
CA ASP A 424 -22.27 6.56 7.48
C ASP A 424 -21.82 5.46 8.39
N LEU A 425 -20.52 5.37 8.68
CA LEU A 425 -20.14 4.28 9.49
C LEU A 425 -20.79 4.43 10.88
N LEU A 426 -20.86 5.66 11.35
CA LEU A 426 -21.33 5.89 12.68
C LEU A 426 -22.84 5.85 12.78
N GLN A 427 -23.57 5.75 11.65
CA GLN A 427 -25.03 5.60 11.75
C GLN A 427 -25.38 4.33 12.53
N LYS A 428 -26.49 4.38 13.28
CA LYS A 428 -26.85 3.32 14.17
C LYS A 428 -26.76 1.89 13.67
N SER A 429 -27.42 1.49 12.61
CA SER A 429 -27.30 0.10 12.23
C SER A 429 -25.99 -0.28 11.70
N ASN A 430 -25.42 0.58 10.86
CA ASN A 430 -24.07 0.34 10.37
C ASN A 430 -23.10 0.10 11.52
N PHE A 431 -23.09 1.10 12.46
CA PHE A 431 -22.19 0.99 13.61
C PHE A 431 -22.36 -0.29 14.44
N ASN A 432 -23.61 -0.72 14.58
CA ASN A 432 -23.87 -1.92 15.33
C ASN A 432 -23.24 -3.15 14.73
N ILE A 433 -23.20 -3.13 13.34
CA ILE A 433 -22.57 -4.23 12.68
C ILE A 433 -21.06 -4.15 12.84
N PHE A 434 -20.54 -2.97 12.66
CA PHE A 434 -19.13 -2.70 12.86
C PHE A 434 -18.62 -3.29 14.25
N LYS A 435 -19.37 -2.94 15.30
CA LYS A 435 -18.97 -3.30 16.59
C LYS A 435 -18.82 -4.79 16.63
N LYS A 436 -19.72 -5.49 15.93
CA LYS A 436 -19.55 -6.96 15.94
C LYS A 436 -18.34 -7.40 15.12
N PHE A 437 -18.14 -6.71 14.00
CA PHE A 437 -16.94 -7.04 13.23
C PHE A 437 -15.73 -6.91 14.14
N VAL A 438 -15.73 -5.78 14.96
CA VAL A 438 -14.59 -5.56 15.88
C VAL A 438 -14.48 -6.71 16.87
N LEU A 439 -15.60 -7.06 17.43
CA LEU A 439 -15.56 -8.11 18.38
C LEU A 439 -14.96 -9.46 17.82
N LYS A 440 -15.36 -9.88 16.60
CA LYS A 440 -14.90 -11.13 16.03
C LYS A 440 -13.46 -11.11 15.59
N MET A 441 -12.98 -9.94 15.14
CA MET A 441 -11.54 -9.74 14.92
C MET A 441 -10.81 -10.05 16.19
N HIS A 442 -11.41 -9.66 17.35
CA HIS A 442 -10.74 -9.77 18.66
C HIS A 442 -10.97 -11.17 19.24
N ALA A 443 -11.58 -11.96 18.42
CA ALA A 443 -11.81 -13.31 18.78
C ALA A 443 -12.73 -13.38 19.96
N ASP A 444 -13.70 -12.51 19.98
CA ASP A 444 -14.66 -12.48 21.07
C ASP A 444 -14.08 -11.95 22.34
N GLN A 445 -12.90 -11.41 22.32
CA GLN A 445 -12.39 -10.87 23.59
C GLN A 445 -12.67 -9.38 23.67
N ASP A 446 -12.61 -8.82 24.85
CA ASP A 446 -12.79 -7.36 24.95
C ASP A 446 -11.54 -6.66 24.41
N TYR A 447 -11.68 -5.38 24.06
CA TYR A 447 -10.55 -4.65 23.58
C TYR A 447 -9.46 -4.76 24.57
N CYS A 448 -8.20 -4.95 24.09
CA CYS A 448 -7.07 -5.27 24.92
C CYS A 448 -6.01 -4.27 24.69
N ALA A 449 -5.86 -3.36 25.67
CA ALA A 449 -5.02 -2.16 25.54
C ALA A 449 -3.52 -2.39 25.39
N ASN A 450 -2.97 -3.48 25.99
CA ASN A 450 -1.53 -3.86 25.99
C ASN A 450 -1.31 -5.02 25.01
N PRO A 451 -0.69 -4.69 23.94
CA PRO A 451 -0.57 -5.61 22.82
C PRO A 451 0.39 -6.73 23.08
N GLN A 452 1.16 -6.59 24.13
CA GLN A 452 2.07 -7.61 24.52
C GLN A 452 1.22 -8.80 24.97
N LYS A 453 -0.02 -8.54 25.45
CA LYS A 453 -0.79 -9.68 25.87
C LYS A 453 -1.15 -10.60 24.71
N TYR A 454 -1.21 -9.98 23.51
CA TYR A 454 -1.50 -10.76 22.32
C TYR A 454 -0.35 -10.88 21.36
N ASN A 455 0.83 -10.89 21.94
CA ASN A 455 2.00 -11.15 21.21
C ASN A 455 2.28 -10.21 20.11
N HIS A 456 1.99 -8.94 20.40
CA HIS A 456 2.35 -7.84 19.49
C HIS A 456 3.20 -6.83 20.24
N ALA A 457 4.16 -7.20 21.04
CA ALA A 457 4.96 -6.17 21.70
C ALA A 457 5.76 -5.38 20.67
N ILE A 458 5.96 -4.07 20.86
CA ILE A 458 6.81 -3.41 19.89
C ILE A 458 8.13 -3.05 20.49
N THR A 459 9.11 -3.32 19.72
CA THR A 459 10.47 -3.17 20.04
C THR A 459 11.04 -2.13 19.24
N PRO A 460 12.19 -1.73 19.61
CA PRO A 460 12.87 -0.70 18.95
C PRO A 460 13.31 -1.21 17.61
N LEU A 461 13.08 -0.44 16.53
CA LEU A 461 13.48 -0.82 15.17
C LEU A 461 14.99 -1.11 15.16
N LYS A 462 15.39 -2.21 14.55
CA LYS A 462 16.80 -2.52 14.26
C LYS A 462 17.14 -2.08 12.88
N PRO A 463 18.42 -2.12 12.61
CA PRO A 463 18.93 -1.76 11.33
C PRO A 463 18.54 -2.86 10.33
N SER A 464 18.36 -2.55 9.08
CA SER A 464 18.01 -3.57 8.17
C SER A 464 19.08 -4.58 8.08
N ALA A 465 18.70 -5.75 7.71
CA ALA A 465 19.67 -6.69 7.31
C ALA A 465 20.22 -6.31 5.98
N PRO A 466 21.29 -6.98 5.62
CA PRO A 466 22.02 -6.67 4.40
C PRO A 466 21.23 -6.84 3.14
N LYS A 467 21.62 -6.05 2.12
CA LYS A 467 21.04 -6.03 0.80
C LYS A 467 21.06 -7.44 0.31
N ILE A 468 19.88 -7.90 -0.16
CA ILE A 468 19.69 -9.20 -0.81
C ILE A 468 19.85 -8.96 -2.33
N PRO A 469 20.72 -9.66 -3.02
CA PRO A 469 20.89 -9.30 -4.44
C PRO A 469 19.64 -9.67 -5.25
N ILE A 470 19.35 -8.91 -6.27
CA ILE A 470 18.22 -9.15 -7.17
C ILE A 470 17.94 -10.63 -7.52
N GLU A 471 19.00 -11.40 -7.87
CA GLU A 471 18.95 -12.87 -8.20
C GLU A 471 18.23 -13.61 -7.15
N VAL A 472 18.64 -13.30 -5.96
CA VAL A 472 18.06 -13.91 -4.82
C VAL A 472 16.64 -13.46 -4.62
N LEU A 473 16.33 -12.16 -4.82
CA LEU A 473 14.95 -11.74 -4.66
C LEU A 473 14.13 -12.59 -5.63
N LEU A 474 14.67 -12.62 -6.86
CA LEU A 474 13.97 -13.29 -7.98
C LEU A 474 13.82 -14.79 -7.85
N GLU A 475 14.63 -15.49 -6.96
CA GLU A 475 14.29 -16.85 -6.70
C GLU A 475 12.87 -16.98 -6.16
N ALA A 476 12.38 -15.96 -5.46
CA ALA A 476 11.07 -16.10 -4.83
C ALA A 476 9.93 -16.06 -5.87
N THR A 477 10.30 -16.01 -7.15
CA THR A 477 9.30 -16.08 -8.24
C THR A 477 8.78 -17.53 -8.47
N LYS A 478 9.50 -18.56 -7.94
CA LYS A 478 9.08 -19.96 -8.00
C LYS A 478 7.64 -20.10 -7.41
N PRO A 479 6.62 -20.61 -8.16
CA PRO A 479 5.28 -20.64 -7.62
C PRO A 479 5.24 -21.66 -6.56
N THR A 480 4.34 -21.44 -5.58
CA THR A 480 4.14 -22.34 -4.44
C THR A 480 2.68 -22.52 -4.28
N LEU A 481 2.27 -23.60 -3.70
CA LEU A 481 0.85 -23.71 -3.38
C LEU A 481 0.55 -22.84 -2.15
N PRO A 482 -0.60 -22.16 -2.20
CA PRO A 482 -1.08 -21.33 -1.10
C PRO A 482 -1.33 -22.20 0.11
N PHE A 483 -1.57 -21.55 1.28
CA PHE A 483 -1.93 -22.36 2.42
C PHE A 483 -3.40 -22.56 2.26
N PRO A 484 -3.90 -23.58 2.88
CA PRO A 484 -5.35 -23.90 2.86
C PRO A 484 -6.22 -22.91 3.66
N TRP A 485 -7.30 -22.50 3.09
CA TRP A 485 -8.21 -21.58 3.73
C TRP A 485 -9.46 -22.30 4.13
N LEU A 486 -10.09 -21.89 5.19
CA LEU A 486 -11.45 -22.39 5.43
C LEU A 486 -12.35 -21.76 4.39
N PRO A 487 -13.55 -22.23 4.25
CA PRO A 487 -14.54 -21.73 3.26
C PRO A 487 -15.39 -20.64 3.80
N GLU A 488 -15.49 -20.65 5.07
CA GLU A 488 -16.22 -19.72 5.82
C GLU A 488 -15.47 -19.52 7.12
N THR A 489 -15.48 -18.27 7.63
CA THR A 489 -14.83 -18.12 8.94
C THR A 489 -15.63 -18.82 10.03
N ASP A 490 -14.92 -19.26 11.01
CA ASP A 490 -15.57 -19.81 12.17
C ASP A 490 -16.04 -18.67 13.10
N MET A 491 -15.71 -17.40 12.78
CA MET A 491 -16.15 -16.31 13.66
C MET A 491 -16.95 -15.33 12.91
N LYS A 492 -18.12 -15.75 12.49
CA LYS A 492 -18.99 -14.84 11.75
C LYS A 492 -19.67 -13.72 12.59
N VAL A 493 -19.88 -12.61 11.96
CA VAL A 493 -20.55 -11.48 12.51
C VAL A 493 -22.03 -11.66 12.52
N ASP A 494 -22.43 -12.36 11.53
CA ASP A 494 -23.80 -12.72 11.38
C ASP A 494 -24.18 -13.95 12.27
N GLY A 495 -23.52 -14.34 13.28
C1 RR7 B . -7.34 0.98 -0.33
C2 RR7 B . -8.41 1.99 -0.33
C3 RR7 B . -7.90 3.18 -1.05
C4 RR7 B . -6.66 3.78 -0.31
C5 RR7 B . -5.58 2.75 -0.69
C6 RR7 B . -4.38 3.12 0.16
O1 RR7 B . -7.70 0.06 0.69
O3 RR7 B . -8.98 4.06 -1.27
O4 RR7 B . -6.24 5.05 -0.87
O5 RR7 B . -6.02 1.49 -0.11
O6 RR7 B . -4.67 2.91 1.52
C1 GLC B . -6.98 6.13 -0.35
C2 GLC B . -6.41 7.42 -0.98
C3 GLC B . -4.95 7.50 -0.67
C4 GLC B . -4.75 7.52 0.83
C5 GLC B . -5.28 6.19 1.41
C6 GLC B . -5.33 6.33 2.94
O2 GLC B . -6.55 7.47 -2.37
O3 GLC B . -4.43 8.64 -1.33
O4 GLC B . -3.31 7.73 1.09
O5 GLC B . -6.65 6.06 1.09
O6 GLC B . -6.02 7.46 3.47
C1 RR7 C . -12.79 -0.79 -8.56
C2 RR7 C . -12.32 -2.11 -7.91
C3 RR7 C . -11.32 -1.92 -6.80
C4 RR7 C . -10.20 -1.03 -7.29
C5 RR7 C . -10.79 0.27 -7.76
C6 RR7 C . -9.68 1.09 -8.31
O1 RR7 C . -13.67 -0.06 -7.77
O3 RR7 C . -10.75 -3.17 -6.50
O4 RR7 C . -9.21 -0.78 -6.26
O5 RR7 C . -11.69 0.06 -8.87
O6 RR7 C . -10.11 2.27 -8.89
C1 GLC C . -7.87 -0.88 -6.75
C2 GLC C . -7.24 -1.92 -5.77
C3 GLC C . -7.02 -1.34 -4.32
C4 GLC C . -6.27 -0.03 -4.38
C5 GLC C . -6.97 0.91 -5.31
C6 GLC C . -6.19 2.18 -5.40
O2 GLC C . -8.11 -3.02 -5.70
O3 GLC C . -6.23 -2.30 -3.63
O4 GLC C . -6.19 0.54 -3.08
O5 GLC C . -7.14 0.34 -6.69
O6 GLC C . -4.92 2.07 -5.97
S SO4 D . 11.43 -21.53 -1.39
O1 SO4 D . 11.22 -20.69 -2.57
O2 SO4 D . 11.47 -20.74 -0.21
O3 SO4 D . 12.69 -22.21 -1.54
O4 SO4 D . 10.38 -22.49 -1.19
#